data_7OWF
#
_entry.id   7OWF
#
_cell.length_a   110.175
_cell.length_b   110.175
_cell.length_c   91.296
_cell.angle_alpha   90.000
_cell.angle_beta   90.000
_cell.angle_gamma   120.000
#
_symmetry.space_group_name_H-M   'P 31 2 1'
#
loop_
_entity.id
_entity.type
_entity.pdbx_description
1 polymer 'DNA polymerase I, thermostable'
2 polymer Primer
3 polymer template
4 non-polymer 'MAGNESIUM ION'
5 non-polymer '[[(2R,3S,5R)-5-[5-(1-benzofuran-2-yl)-2,4-bis(oxidanylidene)pyrimidin-1-yl]-3-oxidanyl-oxolan-2-yl]methoxy-oxidanyl-phosphoryl] phosphono hydrogen phosphate'
6 non-polymer GLYCEROL
7 water water
#
loop_
_entity_poly.entity_id
_entity_poly.type
_entity_poly.pdbx_seq_one_letter_code
_entity_poly.pdbx_strand_id
1 'polypeptide(L)'
;ALEEAPWPPPEGAFVGFVLSRKEPMWADLLALAAARGGRVHRAPEPYKALRDLKEARGLLAKDLSVLALREGLGLPPGDD
PMLLAYLLDPSNTTPEGVARRYGGEWTEEAGERAALSERLFANLWGRLEGEERLLWLYREVERPLSAVLAHMEATGVRLD
VAYLRALSLEVAEEIARLEAEVFRLAGHPFNLNSRDQLERVLFDELGLPAIGKTEKTGKRSTSAAVLEALREAHPIVEKI
LQYRELTKLKSTYIDPLPDLIHPRTGRLHTRFNQTATATGRLSSSDPNLQNIPVRTPLGQRIRRAFIAEEGWLLVALDYS
QIELRVLAHLSGDENLIRVFQEGRDIHTETASWMFGVPREAVDPLMRRAAKTINFGVLYGMSAHRLSQELAIPYEEAQAF
IERYFQSFPKVRAWIEKTLEEGRRRGYVETLFGRRRYVPDLEARVKSVREAAERMAFNMPVQGTAADLMKLAMVKLFPRL
EEMGARMLLQVHDELVLEAPKERAEAVARLAKEVMEGVYPLAVPLEVEVGIGEDWLSAKE
;
A
2 'polydeoxyribonucleotide' (DG)(DA)(DC)(DC)(DA)(DC)(DG)(DG)(DC)(DC)(DA)(DOC) B
3 'polydeoxyribonucleotide' (DA)(DA)(DC)(DA)(DG)(DT)(DG)(DG)(DC)(DC)(DG)(DT)(DG)(DG)(DT)(DC) C
#
# COMPACT_ATOMS: atom_id res chain seq x y z
N ALA A 1 -36.31 5.03 7.09
CA ALA A 1 -35.18 5.47 7.91
C ALA A 1 -35.57 5.46 9.40
N LEU A 2 -36.81 5.03 9.68
CA LEU A 2 -37.35 4.85 11.02
C LEU A 2 -38.58 3.95 10.89
N GLU A 3 -39.30 4.16 9.80
CA GLU A 3 -40.47 3.37 9.42
C GLU A 3 -40.04 2.07 8.74
N GLU A 4 -40.93 1.07 8.79
CA GLU A 4 -40.56 -0.29 8.43
C GLU A 4 -41.52 -0.89 7.43
N ALA A 5 -40.96 -1.57 6.43
CA ALA A 5 -41.70 -2.22 5.36
C ALA A 5 -41.17 -3.62 5.10
N PRO A 6 -42.03 -4.55 4.65
CA PRO A 6 -41.60 -5.95 4.52
C PRO A 6 -40.49 -6.12 3.49
N TRP A 7 -39.51 -6.96 3.84
CA TRP A 7 -38.54 -7.42 2.84
C TRP A 7 -39.31 -8.06 1.67
N PRO A 8 -38.83 -7.88 0.42
CA PRO A 8 -37.59 -7.21 0.02
C PRO A 8 -37.70 -5.70 -0.18
N PRO A 9 -36.56 -5.03 -0.31
CA PRO A 9 -36.57 -3.59 -0.54
C PRO A 9 -36.77 -3.28 -2.01
N PRO A 10 -37.13 -2.05 -2.34
CA PRO A 10 -37.25 -1.68 -3.75
C PRO A 10 -35.88 -1.44 -4.36
N GLU A 11 -35.85 -1.47 -5.69
CA GLU A 11 -34.58 -1.38 -6.38
C GLU A 11 -33.92 -0.05 -6.07
N GLY A 12 -32.60 -0.09 -5.89
CA GLY A 12 -31.83 1.10 -5.64
C GLY A 12 -31.72 1.49 -4.19
N ALA A 13 -32.19 0.66 -3.27
CA ALA A 13 -32.11 0.99 -1.86
C ALA A 13 -30.67 0.92 -1.35
N PHE A 14 -30.45 1.54 -0.18
CA PHE A 14 -29.16 1.52 0.51
C PHE A 14 -29.13 0.41 1.55
N VAL A 15 -28.01 -0.27 1.64
CA VAL A 15 -27.91 -1.46 2.45
C VAL A 15 -27.08 -1.17 3.68
N GLY A 16 -27.45 -1.85 4.78
CA GLY A 16 -26.59 -1.94 5.93
C GLY A 16 -26.48 -3.40 6.33
N PHE A 17 -25.40 -3.72 7.02
CA PHE A 17 -25.19 -5.11 7.38
C PHE A 17 -24.22 -5.18 8.53
N VAL A 18 -24.31 -6.29 9.27
CA VAL A 18 -23.41 -6.54 10.39
C VAL A 18 -22.67 -7.86 10.16
N LEU A 19 -21.35 -7.81 10.27
CA LEU A 19 -20.48 -8.98 10.16
C LEU A 19 -20.01 -9.46 11.53
N SER A 20 -19.79 -10.77 11.66
CA SER A 20 -19.27 -11.26 12.92
C SER A 20 -17.86 -10.79 13.20
N ARG A 21 -17.18 -10.25 12.20
CA ARG A 21 -15.79 -9.85 12.29
C ARG A 21 -15.48 -9.12 11.00
N LYS A 22 -14.37 -8.41 11.03
CA LYS A 22 -14.14 -7.35 10.06
C LYS A 22 -13.83 -7.92 8.67
N GLU A 23 -13.21 -9.09 8.60
CA GLU A 23 -12.81 -9.67 7.31
C GLU A 23 -14.02 -10.29 6.59
N PRO A 24 -14.38 -9.81 5.41
CA PRO A 24 -15.57 -10.38 4.78
C PRO A 24 -15.41 -11.83 4.40
N MET A 25 -14.25 -12.26 3.92
CA MET A 25 -14.10 -13.65 3.55
C MET A 25 -14.29 -14.60 4.72
N TRP A 26 -14.12 -14.13 5.95
CA TRP A 26 -14.25 -15.00 7.11
C TRP A 26 -15.51 -14.73 7.93
N ALA A 27 -16.31 -13.76 7.56
CA ALA A 27 -17.40 -13.29 8.41
C ALA A 27 -18.71 -14.07 8.21
N ASP A 28 -19.40 -14.31 9.32
CA ASP A 28 -20.82 -14.66 9.30
C ASP A 28 -21.62 -13.38 9.10
N LEU A 29 -22.60 -13.42 8.21
CA LEU A 29 -23.45 -12.26 7.94
C LEU A 29 -24.60 -12.32 8.94
N LEU A 30 -24.52 -11.50 9.96
CA LEU A 30 -25.45 -11.59 11.07
C LEU A 30 -26.74 -10.89 10.78
N ALA A 31 -26.71 -9.86 9.94
CA ALA A 31 -27.92 -9.09 9.70
C ALA A 31 -27.76 -8.32 8.41
N LEU A 32 -28.88 -8.17 7.71
CA LEU A 32 -28.93 -7.46 6.44
C LEU A 32 -30.18 -6.58 6.43
N ALA A 33 -30.02 -5.32 6.06
CA ALA A 33 -31.13 -4.38 6.02
C ALA A 33 -30.92 -3.43 4.84
N ALA A 34 -32.01 -2.75 4.46
CA ALA A 34 -32.00 -1.85 3.32
C ALA A 34 -32.99 -0.71 3.56
N ALA A 35 -32.74 0.42 2.91
CA ALA A 35 -33.48 1.64 3.21
C ALA A 35 -33.74 2.43 1.95
N ARG A 36 -34.95 3.00 1.85
CA ARG A 36 -35.28 3.88 0.73
C ARG A 36 -36.58 4.61 1.07
N GLY A 37 -36.76 5.76 0.43
CA GLY A 37 -37.81 6.65 0.87
C GLY A 37 -37.67 6.86 2.34
N GLY A 38 -38.82 6.96 3.01
CA GLY A 38 -38.83 7.02 4.45
C GLY A 38 -39.08 5.66 5.08
N ARG A 39 -38.31 4.65 4.68
CA ARG A 39 -38.55 3.32 5.23
C ARG A 39 -37.29 2.49 5.25
N VAL A 40 -37.25 1.57 6.21
CA VAL A 40 -36.19 0.61 6.40
C VAL A 40 -36.78 -0.79 6.25
N HIS A 41 -36.07 -1.66 5.54
CA HIS A 41 -36.45 -3.06 5.38
C HIS A 41 -35.42 -3.94 6.09
N ARG A 42 -35.89 -4.94 6.81
CA ARG A 42 -35.02 -5.84 7.55
C ARG A 42 -35.25 -7.27 7.10
N ALA A 43 -34.16 -8.02 6.94
CA ALA A 43 -34.34 -9.35 6.38
C ALA A 43 -34.54 -10.37 7.50
N PRO A 44 -35.46 -11.34 7.33
CA PRO A 44 -35.57 -12.41 8.33
C PRO A 44 -34.36 -13.33 8.30
N GLU A 45 -33.92 -13.78 7.12
CA GLU A 45 -32.73 -14.62 7.03
C GLU A 45 -31.71 -13.93 6.15
N PRO A 46 -30.54 -13.52 6.69
CA PRO A 46 -29.66 -12.63 5.90
C PRO A 46 -29.09 -13.29 4.66
N TYR A 47 -28.74 -14.59 4.73
CA TYR A 47 -28.06 -15.20 3.59
C TYR A 47 -29.03 -15.33 2.42
N LYS A 48 -30.29 -15.65 2.71
CA LYS A 48 -31.29 -15.76 1.66
C LYS A 48 -31.59 -14.40 1.05
N ALA A 49 -31.73 -13.39 1.90
CA ALA A 49 -32.03 -12.04 1.43
C ALA A 49 -30.95 -11.46 0.51
N LEU A 50 -29.71 -11.96 0.57
CA LEU A 50 -28.68 -11.53 -0.37
C LEU A 50 -29.09 -11.81 -1.82
N ARG A 51 -29.71 -12.97 -2.07
CA ARG A 51 -30.12 -13.34 -3.42
C ARG A 51 -31.02 -12.29 -4.06
N ASP A 52 -31.66 -11.46 -3.23
CA ASP A 52 -32.63 -10.51 -3.75
C ASP A 52 -32.01 -9.24 -4.26
N LEU A 53 -30.80 -8.92 -3.81
CA LEU A 53 -30.18 -7.65 -4.16
C LEU A 53 -29.54 -7.71 -5.51
N LYS A 54 -29.64 -6.61 -6.25
CA LYS A 54 -28.98 -6.51 -7.54
C LYS A 54 -27.60 -5.84 -7.42
N GLU A 55 -27.39 -4.97 -6.45
CA GLU A 55 -26.07 -4.40 -6.20
C GLU A 55 -25.95 -4.08 -4.73
N ALA A 56 -24.73 -3.85 -4.30
CA ALA A 56 -24.46 -3.40 -2.94
C ALA A 56 -24.19 -1.91 -2.96
N ARG A 57 -25.12 -1.14 -2.39
CA ARG A 57 -25.12 0.31 -2.47
C ARG A 57 -25.15 0.85 -1.04
N GLY A 58 -24.02 1.31 -0.53
CA GLY A 58 -23.99 1.89 0.80
C GLY A 58 -22.62 1.83 1.48
N LEU A 59 -22.63 2.10 2.78
CA LEU A 59 -21.40 2.16 3.57
C LEU A 59 -20.71 0.82 3.56
N LEU A 60 -19.43 0.84 3.19
CA LEU A 60 -18.59 -0.36 3.10
C LEU A 60 -19.21 -1.38 2.14
N ALA A 61 -19.67 -0.88 0.97
CA ALA A 61 -20.27 -1.74 -0.04
C ALA A 61 -19.36 -2.90 -0.43
N LYS A 62 -18.10 -2.59 -0.71
CA LYS A 62 -17.20 -3.63 -1.19
C LYS A 62 -17.18 -4.84 -0.26
N ASP A 63 -17.22 -4.61 1.05
CA ASP A 63 -17.13 -5.74 1.97
C ASP A 63 -18.33 -6.69 1.82
N LEU A 64 -19.53 -6.14 1.70
CA LEU A 64 -20.67 -7.03 1.50
C LEU A 64 -20.58 -7.74 0.16
N SER A 65 -20.14 -7.03 -0.89
CA SER A 65 -19.95 -7.65 -2.20
C SER A 65 -18.94 -8.81 -2.15
N VAL A 66 -17.84 -8.64 -1.41
CA VAL A 66 -16.88 -9.73 -1.29
C VAL A 66 -17.54 -10.95 -0.65
N LEU A 67 -18.28 -10.74 0.45
CA LEU A 67 -18.91 -11.89 1.10
C LEU A 67 -19.89 -12.57 0.15
N ALA A 68 -20.56 -11.79 -0.70
CA ALA A 68 -21.51 -12.37 -1.64
C ALA A 68 -20.81 -13.21 -2.69
N LEU A 69 -19.70 -12.69 -3.22
CA LEU A 69 -18.87 -13.51 -4.10
C LEU A 69 -18.45 -14.82 -3.44
N ARG A 70 -18.08 -14.76 -2.16
CA ARG A 70 -17.68 -16.00 -1.46
C ARG A 70 -18.80 -17.02 -1.51
N GLU A 71 -20.06 -16.58 -1.58
CA GLU A 71 -21.22 -17.47 -1.62
C GLU A 71 -21.67 -17.78 -3.03
N GLY A 72 -20.95 -17.31 -4.04
CA GLY A 72 -21.30 -17.59 -5.42
C GLY A 72 -22.28 -16.62 -6.02
N LEU A 73 -22.41 -15.43 -5.45
CA LEU A 73 -23.40 -14.47 -5.91
C LEU A 73 -22.69 -13.26 -6.47
N GLY A 74 -23.12 -12.81 -7.66
CA GLY A 74 -22.60 -11.59 -8.25
C GLY A 74 -23.39 -10.37 -7.82
N LEU A 75 -22.82 -9.68 -6.88
CA LEU A 75 -23.47 -8.56 -6.21
C LEU A 75 -22.44 -7.45 -6.25
N PRO A 76 -22.36 -6.71 -7.36
CA PRO A 76 -21.32 -5.70 -7.48
C PRO A 76 -21.54 -4.55 -6.47
N PRO A 77 -20.48 -3.94 -6.01
CA PRO A 77 -20.66 -2.70 -5.21
C PRO A 77 -20.98 -1.50 -6.10
N GLY A 78 -21.93 -0.68 -5.64
CA GLY A 78 -22.23 0.59 -6.28
C GLY A 78 -21.82 1.78 -5.41
N ASP A 79 -22.69 2.77 -5.26
CA ASP A 79 -22.36 3.95 -4.46
C ASP A 79 -22.00 3.58 -3.02
N ASP A 80 -20.97 4.23 -2.48
CA ASP A 80 -20.55 4.03 -1.09
C ASP A 80 -20.19 5.41 -0.54
N PRO A 81 -20.96 5.94 0.40
CA PRO A 81 -20.63 7.29 0.91
C PRO A 81 -19.21 7.42 1.45
N MET A 82 -18.55 6.32 1.92
CA MET A 82 -17.15 6.41 2.36
C MET A 82 -16.25 6.94 1.24
N LEU A 83 -16.54 6.53 0.00
CA LEU A 83 -15.74 6.98 -1.14
C LEU A 83 -15.95 8.45 -1.40
N LEU A 84 -17.20 8.93 -1.32
CA LEU A 84 -17.44 10.37 -1.40
C LEU A 84 -16.66 11.12 -0.32
N ALA A 85 -16.73 10.65 0.93
CA ALA A 85 -16.04 11.36 1.99
C ALA A 85 -14.55 11.37 1.74
N TYR A 86 -14.01 10.23 1.28
CA TYR A 86 -12.57 10.08 1.10
C TYR A 86 -12.05 11.03 0.03
N LEU A 87 -12.84 11.25 -1.04
CA LEU A 87 -12.48 12.23 -2.07
C LEU A 87 -12.58 13.67 -1.57
N LEU A 88 -13.54 13.94 -0.70
CA LEU A 88 -13.65 15.29 -0.15
C LEU A 88 -12.49 15.61 0.78
N ASP A 89 -12.05 14.63 1.61
CA ASP A 89 -10.93 14.79 2.54
C ASP A 89 -10.44 13.40 2.90
N PRO A 90 -9.23 12.99 2.49
CA PRO A 90 -8.80 11.62 2.79
C PRO A 90 -8.46 11.40 4.26
N SER A 91 -8.62 12.40 5.12
CA SER A 91 -8.68 12.10 6.54
C SER A 91 -9.97 11.36 6.89
N ASN A 92 -10.91 11.28 5.94
CA ASN A 92 -12.16 10.56 6.15
C ASN A 92 -11.90 9.09 5.83
N THR A 93 -11.63 8.29 6.85
CA THR A 93 -11.15 6.94 6.63
C THR A 93 -11.98 5.85 7.26
N THR A 94 -12.92 6.16 8.14
CA THR A 94 -13.75 5.12 8.73
C THR A 94 -15.19 5.60 8.83
N PRO A 95 -16.14 4.66 8.88
CA PRO A 95 -17.53 5.08 9.11
C PRO A 95 -17.73 5.81 10.42
N GLU A 96 -17.12 5.37 11.54
CA GLU A 96 -17.29 6.08 12.81
C GLU A 96 -17.02 7.58 12.64
N GLY A 97 -15.93 7.92 11.94
CA GLY A 97 -15.52 9.31 11.87
C GLY A 97 -16.30 10.09 10.84
N VAL A 98 -16.72 9.41 9.76
CA VAL A 98 -17.53 10.06 8.76
C VAL A 98 -18.89 10.44 9.32
N ALA A 99 -19.52 9.51 10.04
CA ALA A 99 -20.87 9.77 10.56
C ALA A 99 -20.86 10.98 11.49
N ARG A 100 -19.91 11.03 12.41
CA ARG A 100 -19.81 12.12 13.36
C ARG A 100 -19.06 13.31 12.78
N ARG A 101 -18.87 13.33 11.46
CA ARG A 101 -18.58 14.56 10.74
C ARG A 101 -19.74 15.05 9.87
N TYR A 102 -20.53 14.16 9.28
CA TYR A 102 -21.55 14.58 8.32
C TYR A 102 -22.97 14.20 8.70
N GLY A 103 -23.22 13.80 9.94
CA GLY A 103 -24.54 13.94 10.48
C GLY A 103 -25.25 12.67 10.90
N GLY A 104 -24.53 11.74 11.49
CA GLY A 104 -25.16 10.53 11.96
C GLY A 104 -24.37 9.80 13.02
N GLU A 105 -24.72 8.53 13.19
CA GLU A 105 -24.03 7.70 14.17
C GLU A 105 -23.90 6.29 13.60
N TRP A 106 -22.68 5.73 13.69
CA TRP A 106 -22.39 4.36 13.26
C TRP A 106 -22.53 3.43 14.47
N THR A 107 -23.56 2.59 14.44
CA THR A 107 -23.84 1.68 15.51
C THR A 107 -23.54 0.26 15.04
N GLU A 108 -24.22 -0.73 15.62
CA GLU A 108 -24.02 -2.13 15.22
C GLU A 108 -25.31 -2.81 14.75
N GLU A 109 -26.31 -2.03 14.33
CA GLU A 109 -27.56 -2.58 13.84
C GLU A 109 -27.67 -2.32 12.36
N ALA A 110 -28.03 -3.34 11.59
CA ALA A 110 -28.00 -3.21 10.15
C ALA A 110 -28.97 -2.13 9.69
N GLY A 111 -30.18 -2.14 10.23
CA GLY A 111 -31.17 -1.17 9.78
C GLY A 111 -30.75 0.27 10.00
N GLU A 112 -30.09 0.55 11.13
CA GLU A 112 -29.50 1.87 11.35
C GLU A 112 -28.36 2.15 10.36
N ARG A 113 -27.50 1.16 10.12
CA ARG A 113 -26.44 1.36 9.14
C ARG A 113 -27.02 1.61 7.76
N ALA A 114 -28.14 0.98 7.45
CA ALA A 114 -28.81 1.27 6.18
C ALA A 114 -29.41 2.67 6.17
N ALA A 115 -30.09 3.07 7.24
CA ALA A 115 -30.63 4.42 7.26
C ALA A 115 -29.54 5.44 7.27
N LEU A 116 -28.40 5.12 7.91
CA LEU A 116 -27.29 6.06 7.91
C LEU A 116 -26.67 6.18 6.53
N SER A 117 -26.53 5.05 5.84
CA SER A 117 -26.00 5.08 4.49
C SER A 117 -26.86 5.98 3.60
N GLU A 118 -28.18 5.97 3.80
CA GLU A 118 -29.10 6.78 2.98
C GLU A 118 -28.80 8.27 3.14
N ARG A 119 -28.80 8.75 4.39
CA ARG A 119 -28.58 10.18 4.64
C ARG A 119 -27.17 10.60 4.27
N LEU A 120 -26.17 9.83 4.73
CA LEU A 120 -24.80 10.17 4.42
C LEU A 120 -24.58 10.28 2.92
N PHE A 121 -25.24 9.44 2.12
CA PHE A 121 -25.08 9.57 0.68
C PHE A 121 -25.63 10.88 0.18
N ALA A 122 -26.84 11.25 0.62
CA ALA A 122 -27.46 12.49 0.17
C ALA A 122 -26.65 13.70 0.58
N ASN A 123 -26.14 13.71 1.81
CA ASN A 123 -25.34 14.84 2.27
C ASN A 123 -24.09 15.01 1.42
N LEU A 124 -23.30 13.96 1.29
CA LEU A 124 -22.00 14.09 0.64
C LEU A 124 -22.13 14.31 -0.87
N TRP A 125 -23.06 13.61 -1.53
CA TRP A 125 -23.28 13.89 -2.94
C TRP A 125 -23.66 15.35 -3.16
N GLY A 126 -24.34 15.96 -2.20
CA GLY A 126 -24.66 17.38 -2.31
C GLY A 126 -23.45 18.26 -2.11
N ARG A 127 -22.54 17.86 -1.22
CA ARG A 127 -21.31 18.60 -1.03
C ARG A 127 -20.42 18.50 -2.27
N LEU A 128 -20.59 17.45 -3.06
CA LEU A 128 -19.78 17.26 -4.25
C LEU A 128 -20.38 17.88 -5.50
N GLU A 129 -21.63 18.35 -5.44
CA GLU A 129 -22.17 19.05 -6.59
C GLU A 129 -21.26 20.24 -6.90
N GLY A 130 -20.82 20.31 -8.14
CA GLY A 130 -19.98 21.40 -8.56
C GLY A 130 -18.50 21.16 -8.40
N GLU A 131 -18.08 20.04 -7.80
CA GLU A 131 -16.67 19.67 -7.81
C GLU A 131 -16.46 18.69 -8.96
N GLU A 132 -16.42 19.21 -10.18
CA GLU A 132 -16.47 18.32 -11.33
C GLU A 132 -15.28 17.36 -11.35
N ARG A 133 -14.10 17.81 -10.88
CA ARG A 133 -12.91 16.96 -10.91
C ARG A 133 -13.03 15.79 -9.94
N LEU A 134 -13.48 16.06 -8.70
CA LEU A 134 -13.72 14.97 -7.75
C LEU A 134 -14.83 14.04 -8.24
N LEU A 135 -15.91 14.60 -8.80
CA LEU A 135 -16.98 13.75 -9.33
C LEU A 135 -16.44 12.83 -10.42
N TRP A 136 -15.51 13.34 -11.22
CA TRP A 136 -14.88 12.50 -12.24
C TRP A 136 -14.12 11.35 -11.58
N LEU A 137 -13.28 11.65 -10.59
CA LEU A 137 -12.55 10.57 -9.94
C LEU A 137 -13.48 9.56 -9.29
N TYR A 138 -14.65 9.99 -8.85
CA TYR A 138 -15.55 9.03 -8.21
C TYR A 138 -16.18 8.11 -9.24
N ARG A 139 -16.59 8.67 -10.37
CA ARG A 139 -17.37 7.89 -11.35
C ARG A 139 -16.47 7.04 -12.22
N GLU A 140 -15.30 7.56 -12.55
CA GLU A 140 -14.42 6.89 -13.48
C GLU A 140 -13.32 6.10 -12.78
N VAL A 141 -13.12 6.30 -11.48
CA VAL A 141 -12.04 5.58 -10.83
C VAL A 141 -12.54 4.86 -9.58
N GLU A 142 -12.90 5.62 -8.55
CA GLU A 142 -13.13 4.95 -7.26
C GLU A 142 -14.33 3.99 -7.32
N ARG A 143 -15.46 4.43 -7.87
CA ARG A 143 -16.63 3.56 -7.82
C ARG A 143 -16.41 2.28 -8.64
N PRO A 144 -16.02 2.36 -9.91
CA PRO A 144 -15.67 1.12 -10.64
C PRO A 144 -14.54 0.36 -10.01
N LEU A 145 -13.54 1.05 -9.43
CA LEU A 145 -12.46 0.30 -8.77
C LEU A 145 -12.97 -0.61 -7.66
N SER A 146 -13.96 -0.13 -6.89
CA SER A 146 -14.44 -0.95 -5.76
C SER A 146 -14.82 -2.33 -6.22
N ALA A 147 -15.45 -2.43 -7.42
CA ALA A 147 -15.80 -3.74 -7.97
C ALA A 147 -14.56 -4.56 -8.28
N VAL A 148 -13.52 -3.94 -8.84
CA VAL A 148 -12.29 -4.68 -9.13
C VAL A 148 -11.72 -5.25 -7.85
N LEU A 149 -11.63 -4.43 -6.81
CA LEU A 149 -11.03 -4.90 -5.57
C LEU A 149 -11.87 -6.02 -4.96
N ALA A 150 -13.20 -5.97 -5.11
CA ALA A 150 -14.01 -7.02 -4.52
C ALA A 150 -13.66 -8.36 -5.14
N HIS A 151 -13.51 -8.39 -6.47
CA HIS A 151 -13.11 -9.62 -7.15
C HIS A 151 -11.72 -10.08 -6.75
N MET A 152 -10.76 -9.14 -6.68
CA MET A 152 -9.43 -9.51 -6.21
C MET A 152 -9.51 -10.14 -4.83
N GLU A 153 -10.23 -9.51 -3.91
CA GLU A 153 -10.31 -10.04 -2.55
C GLU A 153 -10.90 -11.44 -2.53
N ALA A 154 -11.99 -11.68 -3.29
CA ALA A 154 -12.64 -12.98 -3.24
C ALA A 154 -11.85 -14.03 -3.98
N THR A 155 -11.01 -13.65 -4.95
CA THR A 155 -10.20 -14.64 -5.66
C THR A 155 -9.05 -15.17 -4.80
N GLY A 156 -8.27 -14.28 -4.17
CA GLY A 156 -7.12 -14.71 -3.37
C GLY A 156 -5.93 -15.16 -4.21
N VAL A 157 -4.90 -15.68 -3.51
CA VAL A 157 -3.67 -16.11 -4.14
C VAL A 157 -3.26 -17.44 -3.52
N ARG A 158 -2.73 -18.34 -4.35
CA ARG A 158 -2.29 -19.62 -3.83
C ARG A 158 -0.95 -19.46 -3.12
N LEU A 159 -0.80 -20.20 -2.03
CA LEU A 159 0.40 -20.21 -1.23
C LEU A 159 0.93 -21.63 -1.05
N ASP A 160 2.25 -21.81 -1.21
CA ASP A 160 2.88 -23.13 -0.98
C ASP A 160 3.04 -23.32 0.52
N VAL A 161 2.04 -23.93 1.15
CA VAL A 161 2.00 -24.01 2.59
C VAL A 161 3.06 -24.99 3.09
N ALA A 162 3.09 -26.19 2.53
CA ALA A 162 4.05 -27.17 3.03
C ALA A 162 5.46 -26.59 2.98
N TYR A 163 5.74 -25.76 1.98
CA TYR A 163 7.05 -25.13 1.88
C TYR A 163 7.31 -24.19 3.05
N LEU A 164 6.40 -23.28 3.32
CA LEU A 164 6.63 -22.34 4.41
C LEU A 164 6.74 -23.06 5.75
N ARG A 165 6.01 -24.15 5.94
CA ARG A 165 6.14 -24.85 7.20
C ARG A 165 7.50 -25.49 7.33
N ALA A 166 7.99 -26.09 6.25
CA ALA A 166 9.35 -26.63 6.31
C ALA A 166 10.36 -25.51 6.53
N LEU A 167 10.10 -24.34 5.93
CA LEU A 167 11.02 -23.22 6.08
C LEU A 167 11.04 -22.70 7.52
N SER A 168 9.88 -22.66 8.18
CA SER A 168 9.83 -22.24 9.58
C SER A 168 10.81 -23.02 10.43
N LEU A 169 10.93 -24.32 10.20
CA LEU A 169 11.84 -25.10 11.04
C LEU A 169 13.29 -24.75 10.76
N GLU A 170 13.68 -24.66 9.48
CA GLU A 170 15.06 -24.23 9.20
C GLU A 170 15.35 -22.88 9.84
N VAL A 171 14.37 -21.97 9.82
CA VAL A 171 14.62 -20.66 10.38
C VAL A 171 14.71 -20.70 11.90
N ALA A 172 13.89 -21.53 12.53
CA ALA A 172 13.96 -21.68 13.98
C ALA A 172 15.33 -22.17 14.41
N GLU A 173 15.89 -23.17 13.71
CA GLU A 173 17.20 -23.66 14.15
C GLU A 173 18.24 -22.56 14.04
N GLU A 174 18.13 -21.71 13.01
CA GLU A 174 19.10 -20.64 12.85
C GLU A 174 18.87 -19.55 13.89
N ILE A 175 17.62 -19.30 14.25
CA ILE A 175 17.32 -18.36 15.35
C ILE A 175 17.93 -18.86 16.65
N ALA A 176 17.81 -20.15 16.96
CA ALA A 176 18.30 -20.64 18.24
C ALA A 176 19.83 -20.55 18.32
N ARG A 177 20.52 -20.86 17.22
CA ARG A 177 21.98 -20.71 17.18
C ARG A 177 22.37 -19.26 17.45
N LEU A 178 21.64 -18.30 16.86
CA LEU A 178 21.96 -16.89 17.07
C LEU A 178 21.67 -16.47 18.52
N GLU A 179 20.53 -16.86 19.07
CA GLU A 179 20.25 -16.57 20.47
C GLU A 179 21.40 -17.01 21.35
N ALA A 180 21.84 -18.26 21.20
CA ALA A 180 22.88 -18.77 22.06
C ALA A 180 24.18 -17.97 21.90
N GLU A 181 24.46 -17.51 20.68
CA GLU A 181 25.68 -16.75 20.44
C GLU A 181 25.62 -15.39 21.13
N VAL A 182 24.42 -14.83 21.27
CA VAL A 182 24.23 -13.54 21.94
C VAL A 182 24.28 -13.71 23.44
N PHE A 183 23.56 -14.70 23.94
CA PHE A 183 23.64 -15.03 25.35
C PHE A 183 25.08 -15.21 25.79
N ARG A 184 25.87 -15.88 24.96
CA ARG A 184 27.26 -16.10 25.35
C ARG A 184 28.00 -14.78 25.44
N LEU A 185 27.81 -13.91 24.44
CA LEU A 185 28.51 -12.64 24.44
C LEU A 185 28.02 -11.75 25.59
N ALA A 186 26.74 -11.82 25.92
CA ALA A 186 26.25 -11.04 27.05
C ALA A 186 26.65 -11.64 28.39
N GLY A 187 27.18 -12.86 28.39
CA GLY A 187 27.49 -13.54 29.62
C GLY A 187 26.29 -14.10 30.35
N HIS A 188 25.08 -13.85 29.87
CA HIS A 188 23.90 -14.32 30.57
C HIS A 188 22.74 -14.38 29.58
N PRO A 189 21.63 -14.98 29.98
CA PRO A 189 20.44 -15.00 29.12
C PRO A 189 19.48 -13.88 29.48
N PHE A 190 18.57 -13.60 28.55
CA PHE A 190 17.51 -12.60 28.72
C PHE A 190 16.60 -12.64 27.50
N ASN A 191 15.55 -11.82 27.48
CA ASN A 191 14.58 -11.86 26.39
C ASN A 191 15.09 -10.95 25.29
N LEU A 192 15.75 -11.54 24.28
CA LEU A 192 16.22 -10.75 23.15
C LEU A 192 15.12 -9.94 22.47
N ASN A 193 13.85 -10.37 22.58
CA ASN A 193 12.73 -9.63 21.99
C ASN A 193 12.31 -8.42 22.81
N SER A 194 12.78 -8.33 24.06
CA SER A 194 12.46 -7.17 24.89
C SER A 194 13.46 -6.07 24.58
N ARG A 195 12.93 -5.02 23.99
CA ARG A 195 13.68 -3.83 23.66
C ARG A 195 14.33 -3.21 24.88
N ASP A 196 13.65 -3.21 26.01
CA ASP A 196 14.20 -2.55 27.20
C ASP A 196 15.33 -3.36 27.82
N GLN A 197 15.18 -4.68 27.87
CA GLN A 197 16.26 -5.54 28.33
C GLN A 197 17.50 -5.37 27.46
N LEU A 198 17.33 -5.42 26.13
CA LEU A 198 18.47 -5.25 25.24
C LEU A 198 19.17 -3.90 25.43
N GLU A 199 18.39 -2.84 25.68
CA GLU A 199 18.99 -1.53 25.86
C GLU A 199 20.03 -1.63 26.97
N ARG A 200 19.62 -2.24 28.08
CA ARG A 200 20.47 -2.26 29.26
C ARG A 200 21.73 -3.07 29.00
N VAL A 201 21.60 -4.20 28.29
CA VAL A 201 22.77 -5.01 28.01
C VAL A 201 23.76 -4.25 27.15
N LEU A 202 23.27 -3.59 26.11
CA LEU A 202 24.15 -2.97 25.14
C LEU A 202 24.84 -1.74 25.70
N PHE A 203 24.13 -0.96 26.50
CA PHE A 203 24.59 0.37 26.84
C PHE A 203 25.01 0.51 28.29
N ASP A 204 24.50 -0.34 29.17
CA ASP A 204 24.87 -0.36 30.57
C ASP A 204 25.84 -1.49 30.86
N GLU A 205 25.43 -2.74 30.67
CA GLU A 205 26.33 -3.84 30.98
C GLU A 205 27.58 -3.75 30.11
N LEU A 206 27.45 -3.95 28.81
CA LEU A 206 28.59 -3.59 27.95
C LEU A 206 28.65 -2.07 27.87
N GLY A 207 29.72 -1.57 27.30
CA GLY A 207 29.94 -0.14 27.38
C GLY A 207 29.48 0.62 26.16
N LEU A 208 28.68 -0.01 25.32
CA LEU A 208 28.49 0.51 23.98
C LEU A 208 27.90 1.91 24.05
N PRO A 209 28.30 2.80 23.15
CA PRO A 209 27.80 4.18 23.18
C PRO A 209 26.43 4.27 22.56
N ALA A 210 25.58 5.09 23.17
CA ALA A 210 24.18 5.23 22.74
C ALA A 210 24.11 6.39 21.79
N ILE A 211 23.76 6.10 20.54
CA ILE A 211 23.80 7.10 19.50
C ILE A 211 22.54 7.96 19.48
N GLY A 212 21.40 7.40 19.83
CA GLY A 212 20.15 8.13 19.69
C GLY A 212 19.07 7.59 20.61
N LYS A 213 17.98 8.36 20.67
CA LYS A 213 16.88 8.14 21.59
C LYS A 213 15.55 8.00 20.87
N THR A 214 14.60 7.33 21.54
CA THR A 214 13.28 7.08 21.00
C THR A 214 12.40 8.30 21.18
N GLU A 215 11.37 8.37 20.37
CA GLU A 215 10.56 9.58 20.25
C GLU A 215 9.76 9.85 21.50
N LYS A 216 8.84 8.95 21.84
CA LYS A 216 7.86 9.31 22.87
C LYS A 216 8.45 9.24 24.27
N THR A 217 9.34 8.28 24.55
CA THR A 217 9.76 8.03 25.93
C THR A 217 11.21 8.34 26.19
N GLY A 218 12.00 8.67 25.16
CA GLY A 218 13.37 9.10 25.36
C GLY A 218 14.29 8.02 25.87
N LYS A 219 14.01 6.76 25.56
CA LYS A 219 14.90 5.66 25.88
C LYS A 219 16.02 5.60 24.85
N ARG A 220 17.13 4.97 25.24
CA ARG A 220 18.22 4.77 24.30
C ARG A 220 17.77 3.78 23.24
N SER A 221 17.82 4.19 21.98
CA SER A 221 17.26 3.37 20.91
C SER A 221 18.17 2.19 20.60
N THR A 222 17.56 1.10 20.13
CA THR A 222 18.30 -0.07 19.68
C THR A 222 17.96 -0.39 18.22
N SER A 223 17.53 0.61 17.48
CA SER A 223 17.11 0.41 16.11
C SER A 223 18.31 0.06 15.23
N ALA A 224 18.00 -0.45 14.05
CA ALA A 224 19.04 -0.90 13.11
C ALA A 224 19.97 0.24 12.74
N ALA A 225 19.42 1.42 12.53
CA ALA A 225 20.26 2.56 12.18
C ALA A 225 21.29 2.84 13.28
N VAL A 226 20.89 2.66 14.53
CA VAL A 226 21.79 2.83 15.65
C VAL A 226 22.77 1.66 15.72
N LEU A 227 22.25 0.44 15.65
CA LEU A 227 23.11 -0.73 15.82
C LEU A 227 24.13 -0.84 14.71
N GLU A 228 23.69 -0.66 13.46
CA GLU A 228 24.62 -0.83 12.37
C GLU A 228 25.70 0.23 12.42
N ALA A 229 25.37 1.38 13.00
CA ALA A 229 26.37 2.40 13.23
C ALA A 229 27.57 1.85 13.99
N LEU A 230 27.40 0.75 14.73
CA LEU A 230 28.51 0.12 15.45
C LEU A 230 28.45 -1.38 15.26
N ARG A 231 28.31 -1.80 14.01
CA ARG A 231 28.27 -3.22 13.72
C ARG A 231 29.60 -3.91 13.97
N GLU A 232 30.67 -3.14 14.24
CA GLU A 232 31.99 -3.71 14.57
C GLU A 232 32.54 -3.28 15.92
N ALA A 233 31.97 -2.22 16.55
CA ALA A 233 32.32 -1.84 17.92
C ALA A 233 31.92 -2.91 18.91
N HIS A 234 31.26 -3.94 18.39
CA HIS A 234 31.08 -5.21 19.07
C HIS A 234 30.44 -6.22 18.12
N PRO A 235 30.89 -7.48 18.14
CA PRO A 235 30.27 -8.47 17.25
C PRO A 235 28.86 -8.83 17.67
N ILE A 236 28.56 -8.77 18.97
CA ILE A 236 27.21 -9.09 19.43
C ILE A 236 26.17 -8.34 18.62
N VAL A 237 26.46 -7.09 18.31
CA VAL A 237 25.54 -6.27 17.52
C VAL A 237 25.25 -6.99 16.21
N GLU A 238 26.29 -7.46 15.54
CA GLU A 238 26.13 -8.16 14.28
C GLU A 238 25.14 -9.30 14.41
N LYS A 239 25.24 -10.09 15.48
CA LYS A 239 24.34 -11.22 15.62
C LYS A 239 22.94 -10.74 15.93
N ILE A 240 22.83 -9.68 16.73
CA ILE A 240 21.51 -9.13 17.06
C ILE A 240 20.77 -8.70 15.80
N LEU A 241 21.47 -8.06 14.86
CA LEU A 241 20.79 -7.65 13.64
C LEU A 241 20.31 -8.86 12.84
N GLN A 242 21.08 -9.95 12.86
CA GLN A 242 20.67 -11.18 12.19
C GLN A 242 19.54 -11.89 12.94
N TYR A 243 19.59 -11.91 14.27
CA TYR A 243 18.44 -12.42 15.00
C TYR A 243 17.18 -11.63 14.69
N ARG A 244 17.29 -10.30 14.67
CA ARG A 244 16.10 -9.49 14.42
C ARG A 244 15.51 -9.79 13.05
N GLU A 245 16.36 -9.82 12.03
CA GLU A 245 15.83 -10.11 10.70
C GLU A 245 15.03 -11.41 10.70
N LEU A 246 15.58 -12.47 11.30
CA LEU A 246 14.95 -13.80 11.21
C LEU A 246 13.65 -13.87 11.99
N THR A 247 13.63 -13.35 13.22
CA THR A 247 12.42 -13.43 14.06
C THR A 247 11.30 -12.58 13.48
N LYS A 248 11.66 -11.42 12.91
CA LYS A 248 10.72 -10.57 12.21
C LYS A 248 10.01 -11.32 11.08
N LEU A 249 10.79 -12.03 10.25
CA LEU A 249 10.19 -12.72 9.11
C LEU A 249 9.41 -13.95 9.55
N LYS A 250 9.89 -14.64 10.60
CA LYS A 250 9.17 -15.81 11.04
C LYS A 250 7.83 -15.43 11.64
N SER A 251 7.82 -14.48 12.58
CA SER A 251 6.58 -14.17 13.31
C SER A 251 5.59 -13.35 12.48
N THR A 252 6.06 -12.57 11.51
CA THR A 252 5.17 -11.79 10.64
C THR A 252 4.69 -12.56 9.39
N TYR A 253 5.53 -13.37 8.75
CA TYR A 253 5.14 -13.98 7.47
C TYR A 253 5.16 -15.49 7.48
N ILE A 254 6.28 -16.11 7.86
CA ILE A 254 6.40 -17.56 7.69
C ILE A 254 5.35 -18.30 8.51
N ASP A 255 5.16 -17.91 9.77
CA ASP A 255 4.28 -18.68 10.64
C ASP A 255 2.80 -18.32 10.50
N PRO A 256 2.42 -17.07 10.42
CA PRO A 256 0.98 -16.75 10.37
C PRO A 256 0.35 -17.07 9.02
N LEU A 257 1.04 -16.75 7.93
CA LEU A 257 0.42 -16.90 6.60
C LEU A 257 -0.13 -18.30 6.38
N PRO A 258 0.63 -19.37 6.57
CA PRO A 258 0.04 -20.68 6.38
C PRO A 258 -1.28 -20.88 7.11
N ASP A 259 -1.50 -20.29 8.28
CA ASP A 259 -2.72 -20.59 9.01
C ASP A 259 -3.90 -19.73 8.54
N LEU A 260 -3.74 -18.98 7.44
CA LEU A 260 -4.79 -18.12 6.91
C LEU A 260 -5.39 -18.62 5.58
N ILE A 261 -5.15 -19.88 5.22
CA ILE A 261 -5.72 -20.40 3.99
C ILE A 261 -7.19 -20.64 4.19
N HIS A 262 -8.00 -20.26 3.22
CA HIS A 262 -9.43 -20.31 3.44
C HIS A 262 -9.96 -21.70 3.09
N PRO A 263 -10.90 -22.24 3.85
CA PRO A 263 -11.28 -23.65 3.67
C PRO A 263 -12.13 -23.91 2.43
N ARG A 264 -12.77 -22.89 1.88
CA ARG A 264 -13.59 -23.12 0.69
C ARG A 264 -12.86 -22.72 -0.58
N THR A 265 -11.81 -21.89 -0.52
CA THR A 265 -11.03 -21.54 -1.71
C THR A 265 -9.71 -22.29 -1.84
N GLY A 266 -9.07 -22.64 -0.75
CA GLY A 266 -7.70 -23.12 -0.79
C GLY A 266 -6.67 -22.04 -0.91
N ARG A 267 -7.07 -20.77 -0.86
CA ARG A 267 -6.19 -19.65 -1.16
C ARG A 267 -6.12 -18.64 0.01
N LEU A 268 -5.23 -17.67 -0.10
CA LEU A 268 -5.04 -16.63 0.91
C LEU A 268 -5.69 -15.33 0.48
N HIS A 269 -6.49 -14.72 1.35
CA HIS A 269 -7.32 -13.59 0.95
C HIS A 269 -6.95 -12.35 1.76
N THR A 270 -6.40 -11.36 1.09
CA THR A 270 -6.16 -10.08 1.74
C THR A 270 -7.35 -9.16 1.59
N ARG A 271 -7.28 -7.99 2.21
CA ARG A 271 -8.28 -6.95 2.04
C ARG A 271 -7.60 -5.70 1.47
N PHE A 272 -8.20 -5.09 0.44
CA PHE A 272 -7.64 -3.88 -0.17
C PHE A 272 -8.46 -2.67 0.25
N ASN A 273 -7.92 -1.90 1.19
CA ASN A 273 -8.61 -0.79 1.81
C ASN A 273 -8.50 0.42 0.88
N GLN A 274 -9.65 0.96 0.55
CA GLN A 274 -9.73 1.97 -0.45
C GLN A 274 -9.81 3.38 0.12
N THR A 275 -10.04 3.54 1.43
CA THR A 275 -10.11 4.86 2.05
C THR A 275 -9.23 4.86 3.31
N ALA A 276 -7.96 4.56 3.10
CA ALA A 276 -7.07 4.32 4.20
C ALA A 276 -5.83 5.19 4.19
N THR A 277 -5.58 5.97 3.15
CA THR A 277 -4.32 6.68 3.05
C THR A 277 -4.56 8.12 2.66
N ALA A 278 -3.61 8.95 3.08
CA ALA A 278 -3.72 10.39 2.84
C ALA A 278 -3.39 10.79 1.41
N THR A 279 -2.74 9.94 0.61
CA THR A 279 -2.28 10.30 -0.74
C THR A 279 -3.13 9.71 -1.89
N GLY A 280 -4.04 8.78 -1.64
CA GLY A 280 -4.76 8.08 -2.69
C GLY A 280 -4.27 6.66 -2.93
N ARG A 281 -3.19 6.25 -2.26
CA ARG A 281 -2.79 4.87 -2.36
C ARG A 281 -3.84 3.95 -1.73
N LEU A 282 -3.83 2.70 -2.20
CA LEU A 282 -4.54 1.67 -1.45
C LEU A 282 -3.69 1.26 -0.27
N SER A 283 -4.28 0.50 0.64
CA SER A 283 -3.54 -0.26 1.60
C SER A 283 -4.07 -1.69 1.60
N SER A 284 -3.35 -2.57 2.26
CA SER A 284 -3.68 -3.99 2.30
C SER A 284 -3.58 -4.46 3.74
N SER A 285 -4.53 -5.31 4.18
CA SER A 285 -4.50 -5.77 5.57
C SER A 285 -5.19 -7.13 5.74
N ASP A 286 -4.84 -7.80 6.84
CA ASP A 286 -5.53 -8.99 7.34
C ASP A 286 -5.46 -10.13 6.33
N PRO A 287 -4.27 -10.46 5.83
CA PRO A 287 -2.95 -9.92 6.11
C PRO A 287 -2.52 -8.97 5.05
N ASN A 288 -1.61 -8.06 5.38
CA ASN A 288 -0.96 -7.19 4.43
C ASN A 288 -0.15 -8.02 3.44
N LEU A 289 -0.53 -7.96 2.16
CA LEU A 289 0.21 -8.58 1.09
C LEU A 289 0.96 -7.56 0.26
N GLN A 290 1.01 -6.32 0.71
CA GLN A 290 1.84 -5.30 0.11
C GLN A 290 3.18 -5.12 0.82
N ASN A 291 3.51 -5.93 1.81
CA ASN A 291 4.85 -5.85 2.40
C ASN A 291 5.43 -7.23 2.62
N ILE A 292 5.15 -8.15 1.69
CA ILE A 292 5.80 -9.45 1.71
C ILE A 292 7.28 -9.26 1.46
N PRO A 293 8.16 -9.98 2.16
CA PRO A 293 9.60 -9.73 2.02
C PRO A 293 10.09 -10.04 0.63
N VAL A 294 11.16 -9.35 0.25
CA VAL A 294 11.78 -9.66 -1.02
C VAL A 294 13.24 -9.28 -1.13
N ARG A 295 13.72 -8.40 -0.27
CA ARG A 295 15.05 -7.83 -0.48
C ARG A 295 16.19 -8.75 -0.06
N THR A 296 16.00 -9.55 0.98
CA THR A 296 17.07 -10.42 1.45
C THR A 296 16.94 -11.82 0.86
N PRO A 297 18.01 -12.62 0.90
CA PRO A 297 17.87 -14.00 0.40
C PRO A 297 16.79 -14.78 1.14
N LEU A 298 16.64 -14.58 2.44
CA LEU A 298 15.52 -15.26 3.10
C LEU A 298 14.18 -14.66 2.68
N GLY A 299 14.06 -13.33 2.63
CA GLY A 299 12.80 -12.77 2.14
C GLY A 299 12.44 -13.33 0.77
N GLN A 300 13.43 -13.50 -0.09
CA GLN A 300 13.17 -14.11 -1.40
C GLN A 300 12.57 -15.50 -1.24
N ARG A 301 13.12 -16.31 -0.33
CA ARG A 301 12.55 -17.64 -0.15
C ARG A 301 11.09 -17.55 0.23
N ILE A 302 10.74 -16.50 0.99
CA ILE A 302 9.36 -16.33 1.42
C ILE A 302 8.49 -15.93 0.24
N ARG A 303 9.01 -15.05 -0.60
CA ARG A 303 8.21 -14.59 -1.69
C ARG A 303 7.93 -15.74 -2.67
N ARG A 304 8.84 -16.70 -2.77
CA ARG A 304 8.62 -17.84 -3.63
C ARG A 304 7.40 -18.67 -3.27
N ALA A 305 6.89 -18.55 -2.04
CA ALA A 305 5.73 -19.32 -1.60
C ALA A 305 4.45 -18.90 -2.31
N PHE A 306 4.43 -17.73 -2.93
CA PHE A 306 3.24 -17.20 -3.59
C PHE A 306 3.28 -17.74 -5.02
N ILE A 307 2.35 -18.64 -5.33
CA ILE A 307 2.45 -19.45 -6.54
C ILE A 307 1.15 -19.44 -7.33
N ALA A 308 1.25 -19.90 -8.58
CA ALA A 308 0.10 -19.99 -9.48
C ALA A 308 -0.65 -21.30 -9.31
N GLU A 309 -1.97 -21.26 -9.41
CA GLU A 309 -2.74 -22.49 -9.50
C GLU A 309 -2.15 -23.43 -10.55
N GLU A 310 -2.41 -24.73 -10.36
CA GLU A 310 -1.93 -25.72 -11.31
C GLU A 310 -2.58 -25.48 -12.66
N GLY A 311 -1.75 -25.30 -13.68
CA GLY A 311 -2.22 -25.01 -15.02
C GLY A 311 -2.25 -23.54 -15.37
N TRP A 312 -1.73 -22.68 -14.50
CA TRP A 312 -1.69 -21.23 -14.71
C TRP A 312 -0.28 -20.72 -14.47
N LEU A 313 -0.05 -19.43 -14.77
CA LEU A 313 1.19 -18.73 -14.48
C LEU A 313 0.88 -17.38 -13.87
N LEU A 314 1.82 -16.88 -13.04
CA LEU A 314 1.70 -15.53 -12.50
C LEU A 314 2.32 -14.54 -13.46
N VAL A 315 1.67 -13.40 -13.63
CA VAL A 315 2.21 -12.32 -14.44
C VAL A 315 2.39 -11.05 -13.59
N ALA A 316 3.62 -10.52 -13.56
CA ALA A 316 3.97 -9.38 -12.69
C ALA A 316 4.38 -8.17 -13.52
N LEU A 317 3.67 -7.07 -13.34
CA LEU A 317 3.90 -5.84 -14.09
C LEU A 317 4.19 -4.70 -13.09
N ASP A 318 5.22 -3.90 -13.37
CA ASP A 318 5.73 -2.88 -12.44
C ASP A 318 6.18 -1.66 -13.23
N TYR A 319 5.67 -0.47 -12.89
CA TYR A 319 6.02 0.72 -13.65
C TYR A 319 7.46 1.11 -13.40
N SER A 320 8.15 1.59 -14.43
CA SER A 320 9.53 2.01 -14.29
C SER A 320 9.66 3.38 -13.62
N GLN A 321 10.46 3.45 -12.53
CA GLN A 321 10.85 4.73 -11.95
C GLN A 321 9.65 5.67 -11.88
N ILE A 322 8.58 5.17 -11.30
CA ILE A 322 7.29 5.74 -11.63
C ILE A 322 7.16 7.16 -11.12
N GLU A 323 7.42 7.37 -9.83
CA GLU A 323 7.28 8.73 -9.29
C GLU A 323 8.28 9.70 -9.92
N LEU A 324 9.43 9.20 -10.41
CA LEU A 324 10.35 10.10 -11.10
C LEU A 324 9.75 10.56 -12.45
N ARG A 325 9.11 9.65 -13.19
CA ARG A 325 8.43 10.05 -14.42
C ARG A 325 7.31 11.04 -14.13
N VAL A 326 6.49 10.75 -13.12
CA VAL A 326 5.44 11.66 -12.70
C VAL A 326 6.00 13.02 -12.35
N LEU A 327 7.12 13.03 -11.62
CA LEU A 327 7.73 14.32 -11.27
C LEU A 327 8.06 15.10 -12.53
N ALA A 328 8.57 14.42 -13.54
CA ALA A 328 8.90 15.11 -14.77
C ALA A 328 7.67 15.82 -15.32
N HIS A 329 6.57 15.07 -15.44
CA HIS A 329 5.35 15.65 -16.00
C HIS A 329 4.87 16.82 -15.16
N LEU A 330 4.85 16.64 -13.83
CA LEU A 330 4.27 17.65 -12.95
C LEU A 330 5.09 18.92 -12.99
N SER A 331 6.42 18.79 -13.04
CA SER A 331 7.31 19.93 -12.93
C SER A 331 7.65 20.54 -14.26
N GLY A 332 7.50 19.80 -15.35
CA GLY A 332 7.94 20.31 -16.63
C GLY A 332 9.44 20.44 -16.77
N ASP A 333 10.21 19.81 -15.88
CA ASP A 333 11.66 19.88 -16.04
C ASP A 333 12.02 19.35 -17.41
N GLU A 334 12.57 20.23 -18.24
CA GLU A 334 13.02 19.81 -19.55
C GLU A 334 14.11 18.76 -19.41
N ASN A 335 15.02 18.95 -18.46
CA ASN A 335 16.14 18.04 -18.34
C ASN A 335 15.69 16.68 -17.83
N LEU A 336 14.65 16.65 -17.02
CA LEU A 336 14.20 15.38 -16.50
C LEU A 336 13.38 14.62 -17.53
N ILE A 337 12.52 15.34 -18.24
CA ILE A 337 11.79 14.72 -19.34
C ILE A 337 12.79 14.03 -20.26
N ARG A 338 13.81 14.76 -20.68
CA ARG A 338 14.80 14.20 -21.59
C ARG A 338 15.30 12.85 -21.09
N VAL A 339 15.72 12.76 -19.82
CA VAL A 339 16.26 11.54 -19.27
C VAL A 339 15.43 10.34 -19.71
N PHE A 340 14.11 10.46 -19.63
CA PHE A 340 13.24 9.33 -19.94
C PHE A 340 12.96 9.19 -21.44
N GLN A 341 12.86 10.29 -22.18
CA GLN A 341 12.83 10.18 -23.64
C GLN A 341 14.12 9.71 -24.21
N GLU A 342 15.09 9.30 -23.39
CA GLU A 342 16.31 8.66 -23.86
C GLU A 342 16.56 7.32 -23.20
N GLY A 343 15.58 6.76 -22.48
CA GLY A 343 15.73 5.44 -21.93
C GLY A 343 16.79 5.32 -20.86
N ARG A 344 17.07 6.40 -20.15
CA ARG A 344 18.03 6.39 -19.05
C ARG A 344 17.39 5.88 -17.76
N ASP A 345 18.23 5.32 -16.88
CA ASP A 345 17.84 4.74 -15.60
C ASP A 345 18.58 5.51 -14.51
N ILE A 346 17.83 6.31 -13.75
CA ILE A 346 18.44 7.12 -12.71
C ILE A 346 18.75 6.28 -11.48
N HIS A 347 17.94 5.27 -11.19
CA HIS A 347 18.30 4.31 -10.16
C HIS A 347 19.63 3.64 -10.47
N THR A 348 19.83 3.21 -11.71
CA THR A 348 21.11 2.61 -12.06
C THR A 348 22.22 3.65 -12.03
N GLU A 349 21.93 4.90 -12.42
CA GLU A 349 22.97 5.94 -12.44
C GLU A 349 23.43 6.31 -11.05
N THR A 350 22.50 6.41 -10.07
CA THR A 350 22.88 6.70 -8.69
C THR A 350 23.66 5.53 -8.09
N ALA A 351 23.30 4.30 -8.44
CA ALA A 351 24.05 3.15 -7.93
C ALA A 351 25.48 3.15 -8.44
N SER A 352 25.68 3.51 -9.71
CA SER A 352 27.03 3.53 -10.26
C SER A 352 27.89 4.57 -9.54
N TRP A 353 27.31 5.75 -9.26
CA TRP A 353 27.95 6.71 -8.37
C TRP A 353 28.24 6.07 -7.02
N MET A 354 27.19 5.57 -6.35
CA MET A 354 27.31 5.09 -4.98
C MET A 354 28.44 4.08 -4.83
N PHE A 355 28.47 3.06 -5.69
CA PHE A 355 29.41 1.95 -5.55
C PHE A 355 30.67 2.07 -6.41
N GLY A 356 30.86 3.17 -7.14
CA GLY A 356 32.08 3.40 -7.90
C GLY A 356 32.28 2.48 -9.07
N VAL A 357 31.22 2.21 -9.84
CA VAL A 357 31.20 1.09 -10.78
C VAL A 357 30.45 1.51 -12.03
N PRO A 358 30.84 0.99 -13.20
CA PRO A 358 30.11 1.31 -14.43
C PRO A 358 28.68 0.76 -14.41
N ARG A 359 27.80 1.44 -15.16
CA ARG A 359 26.39 1.03 -15.24
C ARG A 359 26.26 -0.43 -15.61
N GLU A 360 27.26 -1.00 -16.30
CA GLU A 360 27.22 -2.38 -16.76
C GLU A 360 27.30 -3.39 -15.62
N ALA A 361 27.76 -2.97 -14.44
CA ALA A 361 28.02 -3.89 -13.34
C ALA A 361 27.13 -3.64 -12.12
N VAL A 362 26.17 -2.74 -12.21
CA VAL A 362 25.16 -2.63 -11.18
C VAL A 362 24.28 -3.88 -11.24
N ASP A 363 24.08 -4.51 -10.10
CA ASP A 363 23.19 -5.65 -9.96
C ASP A 363 21.92 -5.25 -9.21
N PRO A 364 20.93 -6.15 -9.15
CA PRO A 364 19.63 -5.75 -8.54
C PRO A 364 19.69 -5.31 -7.09
N LEU A 365 20.65 -5.80 -6.29
CA LEU A 365 20.73 -5.33 -4.90
C LEU A 365 21.34 -3.93 -4.83
N MET A 366 22.31 -3.64 -5.72
CA MET A 366 22.86 -2.29 -5.78
C MET A 366 21.78 -1.25 -6.12
N ARG A 367 21.03 -1.51 -7.19
CA ARG A 367 20.01 -0.56 -7.63
C ARG A 367 18.95 -0.35 -6.56
N ARG A 368 18.63 -1.38 -5.77
CA ARG A 368 17.65 -1.23 -4.70
C ARG A 368 18.13 -0.17 -3.70
N ALA A 369 19.41 -0.29 -3.30
CA ALA A 369 20.02 0.69 -2.40
C ALA A 369 19.91 2.09 -2.98
N ALA A 370 20.13 2.21 -4.30
CA ALA A 370 20.06 3.51 -4.97
C ALA A 370 18.63 4.05 -5.03
N LYS A 371 17.62 3.17 -5.03
CA LYS A 371 16.23 3.65 -5.03
C LYS A 371 15.90 4.35 -3.71
N THR A 372 16.16 3.67 -2.59
CA THR A 372 15.98 4.28 -1.28
C THR A 372 16.73 5.60 -1.16
N ILE A 373 17.92 5.67 -1.74
CA ILE A 373 18.71 6.91 -1.68
C ILE A 373 18.07 7.99 -2.53
N ASN A 374 17.73 7.65 -3.78
CA ASN A 374 17.19 8.65 -4.68
C ASN A 374 15.87 9.21 -4.15
N PHE A 375 15.00 8.36 -3.63
CA PHE A 375 13.76 8.88 -3.06
C PHE A 375 14.02 9.54 -1.70
N GLY A 376 14.93 9.01 -0.89
CA GLY A 376 15.27 9.73 0.33
C GLY A 376 15.64 11.19 0.08
N VAL A 377 16.64 11.37 -0.79
CA VAL A 377 17.08 12.71 -1.18
C VAL A 377 15.91 13.52 -1.71
N LEU A 378 15.14 12.91 -2.62
CA LEU A 378 14.11 13.64 -3.33
C LEU A 378 13.13 14.32 -2.37
N TYR A 379 12.61 13.57 -1.40
CA TYR A 379 11.54 14.06 -0.55
C TYR A 379 12.03 14.84 0.65
N GLY A 380 13.32 15.12 0.76
CA GLY A 380 13.75 16.08 1.76
C GLY A 380 14.81 15.61 2.74
N MET A 381 15.40 14.45 2.48
CA MET A 381 16.38 13.91 3.41
C MET A 381 17.44 14.96 3.70
N SER A 382 18.06 14.83 4.87
CA SER A 382 19.06 15.77 5.30
C SER A 382 20.45 15.31 4.89
N ALA A 383 21.29 16.29 4.59
CA ALA A 383 22.69 16.00 4.35
C ALA A 383 23.20 15.03 5.40
N HIS A 384 23.01 15.38 6.67
CA HIS A 384 23.58 14.58 7.75
C HIS A 384 23.21 13.11 7.61
N ARG A 385 21.90 12.81 7.55
CA ARG A 385 21.49 11.40 7.50
C ARG A 385 22.09 10.70 6.29
N LEU A 386 22.13 11.39 5.16
CA LEU A 386 22.70 10.79 3.96
C LEU A 386 24.16 10.42 4.18
N SER A 387 24.94 11.35 4.72
CA SER A 387 26.34 11.01 4.95
C SER A 387 26.45 9.76 5.79
N GLN A 388 25.45 9.51 6.64
CA GLN A 388 25.50 8.34 7.50
C GLN A 388 24.97 7.11 6.78
N GLU A 389 23.91 7.23 6.00
CA GLU A 389 23.46 6.06 5.26
C GLU A 389 24.50 5.62 4.22
N LEU A 390 25.12 6.58 3.53
CA LEU A 390 26.09 6.27 2.48
C LEU A 390 27.49 6.02 3.00
N ALA A 391 27.71 6.19 4.30
CA ALA A 391 28.98 5.85 4.92
C ALA A 391 30.09 6.80 4.49
N ILE A 392 29.76 8.03 4.13
CA ILE A 392 30.74 8.95 3.58
C ILE A 392 30.78 10.17 4.50
N PRO A 393 31.78 11.02 4.39
CA PRO A 393 31.82 12.18 5.28
C PRO A 393 30.62 13.08 5.03
N TYR A 394 30.26 13.85 6.07
CA TYR A 394 29.12 14.75 5.97
C TYR A 394 29.21 15.54 4.67
N GLU A 395 30.38 16.08 4.39
CA GLU A 395 30.50 17.01 3.29
C GLU A 395 30.34 16.33 1.92
N GLU A 396 30.67 15.04 1.82
CA GLU A 396 30.44 14.34 0.56
C GLU A 396 28.95 14.19 0.27
N ALA A 397 28.15 13.93 1.31
CA ALA A 397 26.71 13.75 1.10
C ALA A 397 26.02 15.08 0.83
N GLN A 398 26.45 16.17 1.48
CA GLN A 398 25.89 17.48 1.17
C GLN A 398 25.90 17.72 -0.33
N ALA A 399 26.95 17.24 -1.00
CA ALA A 399 27.23 17.58 -2.39
C ALA A 399 26.37 16.82 -3.37
N PHE A 400 26.20 15.51 -3.16
CA PHE A 400 25.29 14.77 -4.02
C PHE A 400 23.93 15.46 -4.08
N ILE A 401 23.41 15.86 -2.92
CA ILE A 401 22.09 16.49 -2.89
C ILE A 401 22.09 17.79 -3.70
N GLU A 402 23.20 18.53 -3.69
CA GLU A 402 23.26 19.72 -4.51
C GLU A 402 23.19 19.37 -5.99
N ARG A 403 24.03 18.42 -6.43
CA ARG A 403 24.09 18.03 -7.84
C ARG A 403 22.77 17.40 -8.29
N TYR A 404 22.22 16.48 -7.49
CA TYR A 404 20.92 15.89 -7.75
C TYR A 404 19.90 16.91 -8.23
N PHE A 405 19.78 18.06 -7.56
CA PHE A 405 18.77 19.05 -7.93
C PHE A 405 19.25 20.08 -8.95
N GLN A 406 20.52 20.46 -8.97
CA GLN A 406 21.04 21.28 -10.07
C GLN A 406 20.67 20.66 -11.41
N SER A 407 20.88 19.35 -11.53
CA SER A 407 20.50 18.61 -12.74
C SER A 407 19.17 19.14 -13.25
N PHE A 408 18.18 19.20 -12.36
CA PHE A 408 16.80 19.41 -12.74
C PHE A 408 16.28 20.65 -12.02
N PRO A 409 16.57 21.82 -12.57
CA PRO A 409 16.23 23.06 -11.84
C PRO A 409 14.75 23.24 -11.60
N LYS A 410 13.91 22.83 -12.56
CA LYS A 410 12.49 23.14 -12.46
C LYS A 410 11.81 22.41 -11.32
N VAL A 411 12.46 21.40 -10.74
CA VAL A 411 11.86 20.61 -9.66
C VAL A 411 11.67 21.47 -8.42
N ARG A 412 12.75 22.10 -7.97
CA ARG A 412 12.63 22.94 -6.78
C ARG A 412 11.62 24.06 -7.03
N ALA A 413 11.52 24.55 -8.25
CA ALA A 413 10.51 25.54 -8.58
C ALA A 413 9.11 24.96 -8.43
N TRP A 414 8.94 23.68 -8.73
CA TRP A 414 7.60 23.13 -8.57
C TRP A 414 7.31 22.85 -7.11
N ILE A 415 8.31 22.45 -6.35
CA ILE A 415 8.09 22.32 -4.91
C ILE A 415 7.58 23.63 -4.33
N GLU A 416 8.27 24.73 -4.59
CA GLU A 416 7.87 25.99 -3.98
C GLU A 416 6.49 26.44 -4.45
N LYS A 417 6.15 26.21 -5.70
CA LYS A 417 4.83 26.58 -6.19
C LYS A 417 3.75 25.78 -5.49
N THR A 418 3.98 24.47 -5.36
CA THR A 418 3.02 23.61 -4.68
C THR A 418 2.76 24.07 -3.26
N LEU A 419 3.83 24.38 -2.52
CA LEU A 419 3.67 24.83 -1.14
C LEU A 419 2.92 26.15 -1.07
N GLU A 420 3.34 27.13 -1.87
CA GLU A 420 2.64 28.41 -1.85
C GLU A 420 1.17 28.19 -2.12
N GLU A 421 0.86 27.35 -3.08
CA GLU A 421 -0.53 27.12 -3.38
C GLU A 421 -1.20 26.40 -2.24
N GLY A 422 -0.47 25.51 -1.57
CA GLY A 422 -1.04 24.81 -0.44
C GLY A 422 -1.25 25.70 0.76
N ARG A 423 -0.40 26.72 0.91
CA ARG A 423 -0.62 27.68 1.98
C ARG A 423 -1.86 28.53 1.70
N ARG A 424 -2.09 28.85 0.42
CA ARG A 424 -3.20 29.72 0.03
C ARG A 424 -4.53 29.00 0.10
N ARG A 425 -4.58 27.76 -0.40
CA ARG A 425 -5.84 27.06 -0.59
C ARG A 425 -6.19 26.10 0.55
N GLY A 426 -5.22 25.76 1.39
CA GLY A 426 -5.42 24.75 2.41
C GLY A 426 -5.09 23.32 2.00
N TYR A 427 -4.85 23.06 0.71
CA TYR A 427 -4.63 21.70 0.25
C TYR A 427 -3.72 21.70 -0.98
N VAL A 428 -3.20 20.51 -1.28
CA VAL A 428 -2.44 20.23 -2.49
C VAL A 428 -3.19 19.14 -3.23
N GLU A 429 -2.93 19.03 -4.53
CA GLU A 429 -3.73 18.16 -5.36
C GLU A 429 -2.87 17.41 -6.36
N THR A 430 -3.39 16.24 -6.78
CA THR A 430 -2.81 15.40 -7.81
C THR A 430 -3.18 15.91 -9.19
N LEU A 431 -2.60 15.26 -10.20
CA LEU A 431 -2.87 15.68 -11.58
C LEU A 431 -4.36 15.60 -11.88
N PHE A 432 -5.05 14.61 -11.33
CA PHE A 432 -6.47 14.46 -11.57
C PHE A 432 -7.33 15.23 -10.59
N GLY A 433 -6.71 15.99 -9.66
CA GLY A 433 -7.47 16.78 -8.72
C GLY A 433 -7.80 16.14 -7.39
N ARG A 434 -7.22 14.99 -7.05
CA ARG A 434 -7.41 14.42 -5.72
C ARG A 434 -6.74 15.35 -4.73
N ARG A 435 -7.39 15.63 -3.59
CA ARG A 435 -6.88 16.59 -2.60
C ARG A 435 -6.39 15.95 -1.29
N ARG A 436 -5.35 16.59 -0.70
CA ARG A 436 -4.94 16.35 0.69
C ARG A 436 -4.91 17.71 1.37
N TYR A 437 -5.60 17.82 2.51
CA TYR A 437 -5.58 19.07 3.27
C TYR A 437 -4.34 19.07 4.17
N VAL A 438 -3.63 20.19 4.16
CA VAL A 438 -2.39 20.28 4.94
C VAL A 438 -2.36 21.62 5.65
N PRO A 439 -3.00 21.71 6.80
CA PRO A 439 -3.03 22.98 7.52
C PRO A 439 -1.69 23.38 8.10
N ASP A 440 -0.84 22.42 8.44
CA ASP A 440 0.34 22.84 9.20
C ASP A 440 1.34 23.62 8.36
N LEU A 441 1.09 23.81 7.05
CA LEU A 441 2.00 24.59 6.23
C LEU A 441 2.27 25.98 6.79
N GLU A 442 1.41 26.50 7.66
CA GLU A 442 1.61 27.83 8.18
C GLU A 442 1.75 27.80 9.70
N ALA A 443 2.07 26.63 10.26
CA ALA A 443 2.36 26.51 11.68
C ALA A 443 3.62 27.30 12.02
N ARG A 444 3.69 27.78 13.27
CA ARG A 444 4.74 28.68 13.72
C ARG A 444 5.93 27.98 14.38
N VAL A 445 5.84 26.68 14.62
CA VAL A 445 6.98 25.86 15.01
C VAL A 445 7.61 25.33 13.74
N LYS A 446 8.90 25.63 13.52
CA LYS A 446 9.56 25.25 12.30
C LYS A 446 9.49 23.75 12.06
N SER A 447 9.76 22.95 13.09
CA SER A 447 9.80 21.51 12.88
C SER A 447 8.45 20.99 12.38
N VAL A 448 7.34 21.52 12.91
CA VAL A 448 6.02 21.08 12.48
C VAL A 448 5.74 21.54 11.05
N ARG A 449 6.06 22.79 10.77
CA ARG A 449 5.84 23.34 9.45
C ARG A 449 6.61 22.55 8.41
N GLU A 450 7.89 22.31 8.65
CA GLU A 450 8.70 21.65 7.64
C GLU A 450 8.27 20.19 7.46
N ALA A 451 7.74 19.53 8.48
CA ALA A 451 7.21 18.18 8.25
C ALA A 451 5.97 18.26 7.36
N ALA A 452 5.07 19.17 7.67
CA ALA A 452 3.91 19.40 6.83
C ALA A 452 4.35 19.71 5.42
N GLU A 453 5.44 20.47 5.27
CA GLU A 453 5.92 20.78 3.92
C GLU A 453 6.35 19.49 3.20
N ARG A 454 7.01 18.56 3.91
CA ARG A 454 7.46 17.35 3.22
C ARG A 454 6.26 16.48 2.83
N MET A 455 5.30 16.33 3.75
CA MET A 455 4.09 15.60 3.42
C MET A 455 3.40 16.23 2.23
N ALA A 456 3.42 17.57 2.19
CA ALA A 456 2.58 18.31 1.25
C ALA A 456 3.09 18.16 -0.18
N PHE A 457 4.39 18.34 -0.42
CA PHE A 457 4.81 18.21 -1.82
C PHE A 457 5.02 16.77 -2.26
N ASN A 458 5.14 15.80 -1.35
CA ASN A 458 5.13 14.39 -1.76
C ASN A 458 3.77 13.97 -2.32
N MET A 459 2.70 14.46 -1.74
CA MET A 459 1.39 13.95 -2.09
C MET A 459 1.07 14.04 -3.57
N PRO A 460 1.26 15.17 -4.26
CA PRO A 460 0.91 15.18 -5.69
C PRO A 460 1.67 14.14 -6.46
N VAL A 461 2.88 13.80 -6.03
CA VAL A 461 3.67 12.85 -6.81
C VAL A 461 3.24 11.43 -6.54
N GLN A 462 3.26 11.02 -5.28
CA GLN A 462 2.82 9.66 -4.92
C GLN A 462 1.35 9.47 -5.25
N GLY A 463 0.53 10.51 -5.10
CA GLY A 463 -0.90 10.35 -5.34
C GLY A 463 -1.27 10.38 -6.81
N THR A 464 -0.50 11.12 -7.64
CA THR A 464 -0.72 11.00 -9.07
C THR A 464 -0.39 9.59 -9.54
N ALA A 465 0.72 9.03 -9.09
CA ALA A 465 1.07 7.68 -9.48
C ALA A 465 0.00 6.70 -9.04
N ALA A 466 -0.59 6.91 -7.86
CA ALA A 466 -1.67 6.01 -7.42
C ALA A 466 -2.93 6.18 -8.26
N ASP A 467 -3.24 7.43 -8.65
CA ASP A 467 -4.37 7.67 -9.55
C ASP A 467 -4.20 6.88 -10.85
N LEU A 468 -3.00 6.96 -11.43
CA LEU A 468 -2.73 6.31 -12.68
C LEU A 468 -2.89 4.81 -12.57
N MET A 469 -2.34 4.23 -11.51
CA MET A 469 -2.45 2.78 -11.31
C MET A 469 -3.89 2.37 -11.12
N LYS A 470 -4.62 3.10 -10.27
CA LYS A 470 -6.04 2.80 -10.08
C LYS A 470 -6.78 2.81 -11.41
N LEU A 471 -6.56 3.84 -12.23
CA LEU A 471 -7.24 3.93 -13.50
C LEU A 471 -6.85 2.78 -14.41
N ALA A 472 -5.58 2.39 -14.35
CA ALA A 472 -5.10 1.24 -15.11
C ALA A 472 -5.82 -0.02 -14.68
N MET A 473 -5.93 -0.23 -13.39
CA MET A 473 -6.72 -1.36 -12.91
C MET A 473 -8.13 -1.32 -13.47
N VAL A 474 -8.77 -0.16 -13.43
CA VAL A 474 -10.16 -0.07 -13.89
C VAL A 474 -10.28 -0.42 -15.37
N LYS A 475 -9.35 0.06 -16.20
CA LYS A 475 -9.34 -0.26 -17.63
C LYS A 475 -8.96 -1.71 -17.89
N LEU A 476 -8.00 -2.26 -17.15
CA LEU A 476 -7.49 -3.59 -17.49
C LEU A 476 -8.48 -4.70 -17.12
N PHE A 477 -9.19 -4.55 -16.00
CA PHE A 477 -9.91 -5.70 -15.48
C PHE A 477 -10.95 -6.29 -16.43
N PRO A 478 -11.66 -5.51 -17.24
CA PRO A 478 -12.60 -6.13 -18.19
C PRO A 478 -11.93 -6.93 -19.28
N ARG A 479 -10.78 -6.45 -19.72
CA ARG A 479 -10.03 -7.20 -20.72
C ARG A 479 -9.53 -8.54 -20.13
N LEU A 480 -9.29 -8.62 -18.83
CA LEU A 480 -8.76 -9.88 -18.29
C LEU A 480 -9.83 -10.95 -18.25
N GLU A 481 -11.05 -10.57 -17.87
CA GLU A 481 -12.15 -11.53 -17.84
C GLU A 481 -12.39 -12.17 -19.20
N GLU A 482 -12.39 -11.35 -20.26
CA GLU A 482 -12.57 -11.87 -21.62
C GLU A 482 -11.45 -12.81 -22.03
N MET A 483 -10.26 -12.74 -21.41
CA MET A 483 -9.21 -13.70 -21.70
C MET A 483 -9.14 -14.82 -20.69
N GLY A 484 -10.13 -14.92 -19.79
CA GLY A 484 -10.10 -15.94 -18.75
C GLY A 484 -9.00 -15.75 -17.74
N ALA A 485 -8.61 -14.52 -17.46
CA ALA A 485 -7.53 -14.29 -16.51
C ALA A 485 -8.04 -13.54 -15.29
N ARG A 486 -7.15 -13.38 -14.32
CA ARG A 486 -7.48 -12.89 -13.01
C ARG A 486 -6.49 -11.81 -12.59
N MET A 487 -6.99 -10.84 -11.85
CA MET A 487 -6.17 -9.84 -11.18
C MET A 487 -6.09 -10.24 -9.71
N LEU A 488 -4.88 -10.39 -9.18
CA LEU A 488 -4.73 -10.90 -7.82
C LEU A 488 -4.27 -9.85 -6.82
N LEU A 489 -3.22 -9.10 -7.12
CA LEU A 489 -2.64 -8.16 -6.17
C LEU A 489 -2.25 -6.87 -6.86
N GLN A 490 -2.21 -5.80 -6.04
CA GLN A 490 -1.64 -4.49 -6.36
C GLN A 490 -0.67 -4.18 -5.25
N VAL A 491 0.55 -3.76 -5.59
CA VAL A 491 1.55 -3.30 -4.63
C VAL A 491 2.00 -1.92 -5.08
N HIS A 492 1.06 -0.97 -5.07
CA HIS A 492 1.25 0.45 -5.33
C HIS A 492 1.54 0.79 -6.77
N ASP A 493 2.67 0.32 -7.31
CA ASP A 493 2.99 0.54 -8.72
C ASP A 493 3.17 -0.76 -9.46
N GLU A 494 2.60 -1.83 -8.94
CA GLU A 494 2.81 -3.18 -9.46
C GLU A 494 1.49 -3.92 -9.44
N LEU A 495 1.28 -4.78 -10.45
CA LEU A 495 0.14 -5.68 -10.44
C LEU A 495 0.62 -7.12 -10.62
N VAL A 496 -0.09 -8.03 -9.97
CA VAL A 496 0.13 -9.45 -10.19
C VAL A 496 -1.15 -10.06 -10.72
N LEU A 497 -1.04 -10.75 -11.83
CA LEU A 497 -2.16 -11.41 -12.48
C LEU A 497 -1.90 -12.89 -12.47
N GLU A 498 -2.97 -13.65 -12.73
CA GLU A 498 -2.91 -15.11 -12.86
C GLU A 498 -3.61 -15.44 -14.16
N ALA A 499 -2.95 -16.19 -15.03
CA ALA A 499 -3.48 -16.48 -16.35
C ALA A 499 -3.29 -17.94 -16.73
N PRO A 500 -4.23 -18.52 -17.49
CA PRO A 500 -3.97 -19.83 -18.10
C PRO A 500 -2.65 -19.81 -18.87
N LYS A 501 -1.88 -20.91 -18.75
CA LYS A 501 -0.56 -20.93 -19.38
C LYS A 501 -0.68 -20.71 -20.88
N GLU A 502 -1.76 -21.18 -21.47
CA GLU A 502 -1.96 -20.96 -22.88
C GLU A 502 -2.27 -19.50 -23.21
N ARG A 503 -2.66 -18.69 -22.23
CA ARG A 503 -2.98 -17.30 -22.48
C ARG A 503 -1.97 -16.36 -21.80
N ALA A 504 -0.97 -16.90 -21.13
CA ALA A 504 -0.14 -16.07 -20.28
C ALA A 504 0.57 -15.01 -21.10
N GLU A 505 1.17 -15.40 -22.23
CA GLU A 505 2.01 -14.44 -22.94
C GLU A 505 1.18 -13.30 -23.52
N ALA A 506 0.00 -13.63 -24.08
CA ALA A 506 -0.88 -12.60 -24.60
C ALA A 506 -1.39 -11.70 -23.50
N VAL A 507 -1.70 -12.29 -22.35
CA VAL A 507 -2.16 -11.50 -21.21
C VAL A 507 -1.09 -10.52 -20.77
N ALA A 508 0.17 -10.97 -20.74
CA ALA A 508 1.26 -10.10 -20.34
C ALA A 508 1.39 -8.93 -21.31
N ARG A 509 1.54 -9.26 -22.59
CA ARG A 509 1.66 -8.23 -23.60
C ARG A 509 0.52 -7.22 -23.48
N LEU A 510 -0.70 -7.70 -23.29
CA LEU A 510 -1.84 -6.81 -23.24
C LEU A 510 -1.80 -5.90 -22.03
N ALA A 511 -1.58 -6.49 -20.85
CA ALA A 511 -1.60 -5.71 -19.62
C ALA A 511 -0.54 -4.63 -19.64
N LYS A 512 0.63 -4.96 -20.17
CA LYS A 512 1.69 -3.95 -20.32
C LYS A 512 1.17 -2.76 -21.14
N GLU A 513 0.57 -3.03 -22.30
CA GLU A 513 0.09 -1.93 -23.13
C GLU A 513 -0.92 -1.06 -22.39
N VAL A 514 -1.90 -1.68 -21.73
CA VAL A 514 -2.92 -0.91 -21.02
C VAL A 514 -2.26 -0.03 -19.97
N MET A 515 -1.32 -0.59 -19.23
CA MET A 515 -0.67 0.16 -18.17
C MET A 515 0.12 1.34 -18.72
N GLU A 516 0.77 1.19 -19.87
CA GLU A 516 1.64 2.24 -20.36
C GLU A 516 0.86 3.37 -21.00
N GLY A 517 -0.29 3.05 -21.62
CA GLY A 517 -1.16 4.00 -22.27
C GLY A 517 -2.31 4.49 -21.42
N VAL A 518 -2.32 4.18 -20.11
CA VAL A 518 -3.43 4.56 -19.23
C VAL A 518 -3.76 6.05 -19.38
N TYR A 519 -2.74 6.89 -19.49
CA TYR A 519 -2.96 8.32 -19.48
C TYR A 519 -1.69 9.02 -19.93
N PRO A 520 -1.50 9.21 -21.22
CA PRO A 520 -0.18 9.66 -21.69
C PRO A 520 0.26 10.91 -20.96
N LEU A 521 1.57 10.97 -20.71
CA LEU A 521 2.18 12.10 -20.03
C LEU A 521 3.18 12.75 -20.96
N ALA A 522 3.82 13.80 -20.46
CA ALA A 522 4.89 14.41 -21.23
C ALA A 522 6.09 13.46 -21.35
N VAL A 523 6.06 12.34 -20.63
CA VAL A 523 7.15 11.36 -20.60
C VAL A 523 6.55 9.98 -20.80
N PRO A 524 7.23 9.05 -21.48
CA PRO A 524 6.66 7.72 -21.69
C PRO A 524 6.67 6.91 -20.40
N LEU A 525 5.56 6.26 -20.08
CA LEU A 525 5.59 5.23 -19.04
C LEU A 525 6.09 3.93 -19.65
N GLU A 526 7.17 3.37 -19.08
CA GLU A 526 7.62 2.03 -19.41
C GLU A 526 7.18 1.10 -18.29
N VAL A 527 6.85 -0.14 -18.65
CA VAL A 527 6.46 -1.14 -17.65
C VAL A 527 7.32 -2.38 -17.83
N GLU A 528 7.89 -2.88 -16.73
CA GLU A 528 8.62 -4.15 -16.80
C GLU A 528 7.61 -5.27 -16.52
N VAL A 529 7.73 -6.38 -17.24
CA VAL A 529 6.79 -7.48 -17.04
C VAL A 529 7.54 -8.80 -17.06
N GLY A 530 7.15 -9.72 -16.18
CA GLY A 530 7.66 -11.06 -16.20
C GLY A 530 6.58 -12.10 -15.94
N ILE A 531 6.91 -13.35 -16.25
CA ILE A 531 5.98 -14.47 -16.14
C ILE A 531 6.68 -15.62 -15.43
N GLY A 532 6.02 -16.20 -14.44
CA GLY A 532 6.62 -17.33 -13.76
C GLY A 532 5.62 -18.13 -12.97
N GLU A 533 6.07 -19.31 -12.51
CA GLU A 533 5.26 -20.13 -11.61
C GLU A 533 5.12 -19.51 -10.20
N ASP A 534 6.00 -18.57 -9.82
CA ASP A 534 5.91 -17.96 -8.50
C ASP A 534 6.20 -16.47 -8.57
N TRP A 535 5.83 -15.77 -7.48
CA TRP A 535 5.89 -14.30 -7.46
C TRP A 535 7.30 -13.80 -7.77
N LEU A 536 8.30 -14.44 -7.23
CA LEU A 536 9.65 -13.96 -7.49
C LEU A 536 10.05 -14.17 -8.96
N SER A 537 9.88 -15.38 -9.49
CA SER A 537 10.21 -15.66 -10.89
C SER A 537 9.64 -14.60 -11.82
N ALA A 538 8.40 -14.21 -11.60
CA ALA A 538 7.75 -13.25 -12.46
C ALA A 538 8.40 -11.87 -12.42
N LYS A 539 9.09 -11.51 -11.33
CA LYS A 539 9.78 -10.23 -11.28
C LYS A 539 11.22 -10.31 -11.79
N GLU A 540 11.48 -11.16 -12.76
CA GLU A 540 12.85 -11.35 -13.24
C GLU A 540 12.83 -11.45 -14.75
#